data_2PH0
#
_entry.id   2PH0
#
_cell.length_a   132.584
_cell.length_b   38.736
_cell.length_c   58.260
_cell.angle_alpha   90.00
_cell.angle_beta   90.00
_cell.angle_gamma   90.00
#
_symmetry.space_group_name_H-M   'P 21 21 21'
#
loop_
_entity.id
_entity.type
_entity.pdbx_description
1 polymer 'Uncharacterized protein'
2 water water
#
_entity_poly.entity_id   1
_entity_poly.type   'polypeptide(L)'
_entity_poly.pdbx_seq_one_letter_code
;(MSE)T(MSE)TLNELLATNPDGTLEDIAGKYNTSLFAVVEALPTAQCTLATGDRFDQVWDTIATWGEVTLISHTADAIL
EFKSELPTGTHRHGYFNLRGKNGLSGHIRATSCQHIAFIERKF(MSE)G(MSE)DTASVVFFNANGAA(MSE)FKIFLGR
DSHRQLLSAQVDAFRALASELQPEQVLEHHHHHH
;
_entity_poly.pdbx_strand_id   A,B
#
# COMPACT_ATOMS: atom_id res chain seq x y z
N THR A 2 -27.67 18.06 -13.22
CA THR A 2 -26.30 17.47 -13.23
C THR A 2 -25.28 18.47 -12.72
N THR A 4 -20.97 19.61 -12.50
CA THR A 4 -19.64 19.47 -13.07
C THR A 4 -18.75 19.16 -11.87
N LEU A 5 -17.51 18.72 -12.14
CA LEU A 5 -16.59 18.40 -11.06
C LEU A 5 -16.42 19.59 -10.12
N ASN A 6 -16.28 20.77 -10.71
CA ASN A 6 -16.10 22.00 -9.96
C ASN A 6 -17.32 22.32 -9.10
N GLU A 7 -18.50 22.09 -9.66
CA GLU A 7 -19.73 22.36 -8.93
C GLU A 7 -19.81 21.42 -7.73
N LEU A 8 -19.55 20.15 -7.96
CA LEU A 8 -19.59 19.17 -6.88
C LEU A 8 -18.63 19.55 -5.76
N LEU A 9 -17.38 19.82 -6.11
CA LEU A 9 -16.38 20.17 -5.11
C LEU A 9 -16.74 21.40 -4.30
N ALA A 10 -17.55 22.27 -4.88
CA ALA A 10 -17.98 23.49 -4.20
C ALA A 10 -18.99 23.19 -3.11
N THR A 11 -19.69 22.05 -3.23
CA THR A 11 -20.67 21.67 -2.22
C THR A 11 -20.04 20.93 -1.06
N ASN A 12 -18.71 20.79 -1.10
CA ASN A 12 -17.96 20.11 -0.05
C ASN A 12 -18.37 18.67 0.24
N PRO A 13 -18.15 17.77 -0.73
CA PRO A 13 -18.52 16.38 -0.52
C PRO A 13 -17.63 15.79 0.58
N ASP A 14 -18.12 14.79 1.30
CA ASP A 14 -17.32 14.19 2.36
C ASP A 14 -17.03 12.71 2.19
N GLY A 15 -16.95 12.27 0.94
CA GLY A 15 -16.61 10.89 0.67
C GLY A 15 -15.14 10.96 0.31
N THR A 16 -14.61 9.94 -0.35
CA THR A 16 -13.20 9.95 -0.74
C THR A 16 -13.06 10.71 -2.06
N LEU A 17 -11.94 11.39 -2.24
CA LEU A 17 -11.72 12.11 -3.49
C LEU A 17 -11.56 11.08 -4.60
N GLU A 18 -11.19 9.86 -4.21
CA GLU A 18 -11.03 8.77 -5.18
C GLU A 18 -12.38 8.44 -5.83
N ASP A 19 -13.44 8.41 -5.03
CA ASP A 19 -14.77 8.11 -5.56
C ASP A 19 -15.18 9.18 -6.58
N ILE A 20 -14.83 10.43 -6.29
CA ILE A 20 -15.13 11.55 -7.17
C ILE A 20 -14.33 11.44 -8.47
N ALA A 21 -13.05 11.11 -8.36
CA ALA A 21 -12.23 10.94 -9.56
C ALA A 21 -12.88 9.86 -10.41
N GLY A 22 -13.40 8.83 -9.74
CA GLY A 22 -14.05 7.74 -10.44
C GLY A 22 -15.27 8.18 -11.23
N LYS A 23 -16.16 8.92 -10.57
CA LYS A 23 -17.37 9.40 -11.21
C LYS A 23 -17.09 10.25 -12.45
N TYR A 24 -16.04 11.07 -12.37
CA TYR A 24 -15.67 11.93 -13.50
C TYR A 24 -14.56 11.31 -14.33
N ASN A 25 -14.42 10.00 -14.16
CA ASN A 25 -13.42 9.20 -14.85
C ASN A 25 -12.14 9.96 -15.15
N THR A 26 -11.53 10.48 -14.10
CA THR A 26 -10.29 11.22 -14.26
C THR A 26 -9.30 10.82 -13.16
N SER A 27 -8.20 11.53 -13.07
CA SER A 27 -7.18 11.23 -12.06
C SER A 27 -7.47 11.91 -10.74
N LEU A 28 -6.91 11.36 -9.66
CA LEU A 28 -7.09 11.96 -8.35
C LEU A 28 -6.54 13.38 -8.39
N PHE A 29 -5.42 13.56 -9.09
CA PHE A 29 -4.82 14.89 -9.15
C PHE A 29 -5.73 15.92 -9.81
N ALA A 30 -6.41 15.53 -10.88
CA ALA A 30 -7.32 16.43 -11.57
C ALA A 30 -8.37 16.94 -10.56
N VAL A 31 -8.81 16.04 -9.69
CA VAL A 31 -9.82 16.39 -8.68
C VAL A 31 -9.24 17.37 -7.65
N VAL A 32 -8.04 17.07 -7.18
CA VAL A 32 -7.41 17.92 -6.17
C VAL A 32 -7.20 19.34 -6.76
N GLU A 33 -6.81 19.42 -8.02
CA GLU A 33 -6.58 20.71 -8.67
C GLU A 33 -7.82 21.61 -8.66
N ALA A 34 -9.00 21.01 -8.67
CA ALA A 34 -10.23 21.79 -8.70
C ALA A 34 -10.72 22.18 -7.30
N LEU A 35 -10.00 21.76 -6.27
CA LEU A 35 -10.39 22.08 -4.90
C LEU A 35 -10.20 23.56 -4.58
N PRO A 36 -11.09 24.13 -3.76
CA PRO A 36 -10.97 25.54 -3.39
C PRO A 36 -9.69 25.74 -2.59
N THR A 37 -8.99 26.84 -2.84
CA THR A 37 -7.74 27.16 -2.16
C THR A 37 -7.84 27.08 -0.64
N ALA A 38 -9.04 27.26 -0.11
CA ALA A 38 -9.24 27.21 1.34
C ALA A 38 -9.13 25.79 1.85
N GLN A 39 -9.30 24.81 0.97
CA GLN A 39 -9.22 23.41 1.37
C GLN A 39 -7.99 22.68 0.83
N CYS A 40 -7.25 23.32 -0.07
CA CYS A 40 -6.08 22.68 -0.65
C CYS A 40 -4.94 23.62 -1.01
N THR A 41 -3.72 23.23 -0.63
CA THR A 41 -2.52 24.01 -0.92
C THR A 41 -1.59 23.10 -1.72
N LEU A 42 -1.20 23.53 -2.91
CA LEU A 42 -0.33 22.72 -3.77
C LEU A 42 1.13 23.10 -3.77
N ALA A 43 1.96 22.11 -4.07
CA ALA A 43 3.41 22.27 -4.13
C ALA A 43 3.92 21.31 -5.21
N THR A 44 5.16 21.51 -5.66
CA THR A 44 5.71 20.62 -6.68
C THR A 44 6.52 19.50 -6.04
N GLY A 45 6.89 18.51 -6.84
CA GLY A 45 7.65 17.39 -6.34
C GLY A 45 9.01 17.72 -5.73
N ASP A 46 9.63 18.80 -6.20
CA ASP A 46 10.95 19.17 -5.69
C ASP A 46 10.98 19.58 -4.21
N ARG A 47 9.80 19.62 -3.58
CA ARG A 47 9.74 19.98 -2.16
C ARG A 47 9.56 18.72 -1.32
N PHE A 48 9.73 17.56 -1.95
CA PHE A 48 9.59 16.26 -1.30
C PHE A 48 10.38 16.10 0.00
N ASP A 49 11.70 16.28 -0.07
CA ASP A 49 12.56 16.14 1.09
C ASP A 49 12.20 17.04 2.27
N GLN A 50 11.92 18.31 1.99
CA GLN A 50 11.56 19.25 3.04
C GLN A 50 10.28 18.79 3.73
N VAL A 51 9.32 18.33 2.93
CA VAL A 51 8.05 17.86 3.47
C VAL A 51 8.21 16.59 4.29
N TRP A 52 8.90 15.59 3.75
CA TRP A 52 9.10 14.34 4.46
C TRP A 52 9.85 14.53 5.77
N ASP A 53 10.90 15.36 5.75
CA ASP A 53 11.69 15.60 6.95
C ASP A 53 10.93 16.44 7.97
N THR A 54 10.02 17.29 7.52
CA THR A 54 9.23 18.10 8.46
C THR A 54 8.19 17.22 9.12
N ILE A 55 7.53 16.37 8.33
CA ILE A 55 6.50 15.48 8.86
C ILE A 55 7.12 14.42 9.77
N ALA A 56 8.36 14.05 9.49
CA ALA A 56 9.06 13.04 10.28
C ALA A 56 9.44 13.53 11.68
N THR A 57 8.91 14.70 12.06
CA THR A 57 9.19 15.26 13.38
C THR A 57 7.88 15.64 14.06
N TRP A 58 6.76 15.21 13.47
CA TRP A 58 5.44 15.52 14.00
C TRP A 58 4.89 14.47 14.94
N GLY A 59 5.58 13.33 15.04
CA GLY A 59 5.09 12.27 15.89
C GLY A 59 4.39 11.26 15.01
N GLU A 60 3.56 10.40 15.60
CA GLU A 60 2.86 9.38 14.84
C GLU A 60 1.87 9.92 13.83
N VAL A 61 1.95 9.41 12.61
CA VAL A 61 1.04 9.79 11.53
C VAL A 61 0.61 8.50 10.84
N THR A 62 -0.32 8.57 9.89
CA THR A 62 -0.75 7.37 9.19
C THR A 62 -0.38 7.45 7.72
N LEU A 63 0.49 6.54 7.30
CA LEU A 63 0.93 6.47 5.90
C LEU A 63 -0.07 5.54 5.22
N ILE A 64 -0.62 5.97 4.10
CA ILE A 64 -1.63 5.18 3.41
C ILE A 64 -1.40 4.92 1.94
N SER A 65 -1.63 3.67 1.52
CA SER A 65 -1.54 3.31 0.11
C SER A 65 -3.01 3.17 -0.24
N HIS A 66 -3.48 3.95 -1.22
CA HIS A 66 -4.87 3.93 -1.60
C HIS A 66 -5.06 3.66 -3.09
N THR A 67 -5.60 2.50 -3.40
CA THR A 67 -5.86 2.12 -4.79
C THR A 67 -7.34 1.73 -4.91
N ALA A 68 -7.77 1.39 -6.12
CA ALA A 68 -9.14 0.99 -6.37
C ALA A 68 -9.44 -0.35 -5.70
N ASP A 69 -8.41 -1.10 -5.36
CA ASP A 69 -8.61 -2.42 -4.76
C ASP A 69 -8.40 -2.43 -3.24
N ALA A 70 -7.58 -1.53 -2.72
CA ALA A 70 -7.33 -1.55 -1.30
C ALA A 70 -6.79 -0.27 -0.72
N ILE A 71 -7.12 -0.07 0.56
CA ILE A 71 -6.64 1.07 1.31
C ILE A 71 -5.88 0.44 2.48
N LEU A 72 -4.56 0.58 2.46
CA LEU A 72 -3.71 0.03 3.51
C LEU A 72 -3.18 1.18 4.33
N GLU A 73 -3.39 1.11 5.65
CA GLU A 73 -2.98 2.20 6.55
C GLU A 73 -1.95 1.72 7.56
N PHE A 74 -0.81 2.41 7.60
CA PHE A 74 0.29 2.06 8.49
C PHE A 74 0.53 3.23 9.46
N LYS A 75 0.21 3.03 10.74
CA LYS A 75 0.38 4.09 11.72
C LYS A 75 1.75 4.05 12.40
N SER A 76 2.50 5.14 12.30
CA SER A 76 3.81 5.22 12.93
C SER A 76 4.49 6.56 12.67
N GLU A 77 5.63 6.77 13.30
CA GLU A 77 6.38 7.99 13.07
C GLU A 77 7.13 7.68 11.79
N LEU A 78 7.23 8.64 10.88
CA LEU A 78 7.91 8.39 9.63
C LEU A 78 9.37 8.03 9.79
N PRO A 79 9.80 6.92 9.18
CA PRO A 79 11.20 6.54 9.29
C PRO A 79 12.09 7.50 8.50
N THR A 80 13.39 7.47 8.77
CA THR A 80 14.34 8.32 8.08
C THR A 80 14.54 7.81 6.67
N GLY A 81 14.67 8.72 5.72
CA GLY A 81 14.86 8.31 4.33
C GLY A 81 16.22 8.71 3.77
N THR A 82 16.76 7.85 2.91
CA THR A 82 18.06 8.07 2.28
C THR A 82 17.95 7.85 0.78
N HIS A 83 18.50 8.76 -0.02
CA HIS A 83 18.46 8.63 -1.48
C HIS A 83 19.60 7.75 -1.96
N ARG A 84 19.27 6.65 -2.61
CA ARG A 84 20.29 5.75 -3.12
C ARG A 84 19.72 4.71 -4.08
N HIS A 85 20.40 4.54 -5.21
CA HIS A 85 19.98 3.58 -6.21
C HIS A 85 18.64 3.95 -6.85
N GLY A 86 18.40 5.25 -6.96
CA GLY A 86 17.18 5.75 -7.58
C GLY A 86 15.96 5.76 -6.69
N TYR A 87 16.16 5.52 -5.40
CA TYR A 87 15.03 5.51 -4.47
C TYR A 87 15.33 6.26 -3.18
N PHE A 88 14.26 6.55 -2.45
CA PHE A 88 14.34 7.21 -1.15
C PHE A 88 14.02 6.02 -0.24
N ASN A 89 15.07 5.45 0.34
CA ASN A 89 14.94 4.26 1.16
C ASN A 89 14.73 4.50 2.65
N LEU A 90 13.68 3.89 3.19
CA LEU A 90 13.32 4.05 4.59
C LEU A 90 13.99 3.01 5.50
N ARG A 91 14.38 3.44 6.70
CA ARG A 91 15.02 2.55 7.66
C ARG A 91 13.97 1.87 8.52
N GLY A 92 14.26 0.64 8.96
CA GLY A 92 13.32 -0.09 9.80
C GLY A 92 13.07 0.53 11.15
N LYS A 93 11.80 0.79 11.45
CA LYS A 93 11.41 1.39 12.73
C LYS A 93 9.90 1.29 12.92
N ASN A 94 9.49 0.82 14.10
CA ASN A 94 8.07 0.67 14.43
C ASN A 94 7.35 -0.28 13.48
N GLY A 95 8.13 -0.94 12.62
CA GLY A 95 7.54 -1.89 11.68
C GLY A 95 7.36 -1.39 10.25
N LEU A 96 7.51 -0.09 10.04
CA LEU A 96 7.33 0.48 8.71
C LEU A 96 8.66 0.72 7.98
N SER A 97 8.79 0.12 6.80
CA SER A 97 9.99 0.26 6.00
C SER A 97 9.59 0.29 4.52
N GLY A 98 10.57 0.39 3.63
CA GLY A 98 10.23 0.42 2.22
C GLY A 98 11.12 1.26 1.35
N HIS A 99 10.64 1.52 0.13
CA HIS A 99 11.38 2.28 -0.87
C HIS A 99 10.43 3.16 -1.69
N ILE A 100 10.73 4.44 -1.78
CA ILE A 100 9.89 5.38 -2.51
C ILE A 100 10.65 6.07 -3.64
N ARG A 101 10.05 6.10 -4.84
CA ARG A 101 10.66 6.78 -5.98
C ARG A 101 10.29 8.26 -5.86
N ALA A 102 10.98 8.96 -4.98
CA ALA A 102 10.73 10.37 -4.72
C ALA A 102 10.74 11.25 -5.96
N THR A 103 11.65 10.96 -6.87
CA THR A 103 11.78 11.75 -8.10
C THR A 103 10.52 11.65 -8.96
N SER A 104 9.79 10.57 -8.82
CA SER A 104 8.56 10.39 -9.59
C SER A 104 7.46 11.29 -9.04
N CYS A 105 7.68 11.85 -7.85
CA CYS A 105 6.68 12.74 -7.26
C CYS A 105 6.75 14.06 -8.01
N GLN A 106 5.62 14.46 -8.59
CA GLN A 106 5.54 15.69 -9.36
C GLN A 106 4.72 16.75 -8.64
N HIS A 107 3.86 16.31 -7.74
CA HIS A 107 3.00 17.23 -7.02
C HIS A 107 2.75 16.73 -5.59
N ILE A 108 2.59 17.68 -4.67
CA ILE A 108 2.31 17.36 -3.28
C ILE A 108 1.17 18.28 -2.85
N ALA A 109 0.12 17.69 -2.31
CA ALA A 109 -1.05 18.45 -1.90
C ALA A 109 -1.36 18.39 -0.41
N PHE A 110 -1.70 19.54 0.16
CA PHE A 110 -2.07 19.65 1.56
C PHE A 110 -3.57 19.89 1.56
N ILE A 111 -4.29 18.85 1.93
CA ILE A 111 -5.74 18.89 1.92
C ILE A 111 -6.38 18.85 3.30
N GLU A 112 -7.25 19.83 3.53
CA GLU A 112 -8.00 19.92 4.78
C GLU A 112 -9.47 19.86 4.35
N ARG A 113 -10.11 18.73 4.65
CA ARG A 113 -11.51 18.53 4.29
C ARG A 113 -12.13 17.53 5.25
N LYS A 114 -13.43 17.28 5.08
CA LYS A 114 -14.13 16.35 5.94
C LYS A 114 -14.49 15.04 5.25
N PHE A 115 -14.38 13.96 6.00
CA PHE A 115 -14.74 12.64 5.51
C PHE A 115 -15.76 12.09 6.49
N GLY A 117 -18.42 13.66 8.04
CA GLY A 117 -18.57 14.54 9.19
C GLY A 117 -17.37 14.66 10.11
N ASP A 119 -13.31 15.93 10.37
CA ASP A 119 -12.20 16.69 9.77
C ASP A 119 -10.97 15.84 9.55
N THR A 120 -10.34 16.00 8.39
CA THR A 120 -9.12 15.26 8.08
C THR A 120 -8.11 16.23 7.48
N ALA A 121 -6.84 15.88 7.61
CA ALA A 121 -5.76 16.68 7.08
C ALA A 121 -4.77 15.68 6.48
N SER A 122 -4.50 15.81 5.19
CA SER A 122 -3.58 14.88 4.56
C SER A 122 -2.59 15.54 3.62
N VAL A 123 -1.51 14.83 3.36
CA VAL A 123 -0.46 15.27 2.46
C VAL A 123 -0.43 14.17 1.39
N VAL A 124 -0.78 14.53 0.16
CA VAL A 124 -0.81 13.54 -0.91
C VAL A 124 0.35 13.70 -1.90
N PHE A 125 0.99 12.59 -2.24
CA PHE A 125 2.13 12.62 -3.15
C PHE A 125 1.69 12.03 -4.48
N PHE A 126 1.80 12.84 -5.53
CA PHE A 126 1.35 12.43 -6.86
C PHE A 126 2.35 11.96 -7.91
N ASN A 127 1.86 11.05 -8.77
CA ASN A 127 2.56 10.45 -9.89
C ASN A 127 2.53 11.48 -11.02
N ALA A 128 3.21 11.19 -12.12
CA ALA A 128 3.16 12.09 -13.26
C ALA A 128 1.77 11.86 -13.87
N ASN A 129 1.24 10.66 -13.64
CA ASN A 129 -0.07 10.30 -14.16
C ASN A 129 -1.19 10.84 -13.28
N GLY A 130 -0.82 11.58 -12.25
CA GLY A 130 -1.82 12.16 -11.37
C GLY A 130 -2.39 11.21 -10.34
N ALA A 131 -1.74 10.07 -10.15
CA ALA A 131 -2.19 9.11 -9.17
C ALA A 131 -1.45 9.35 -7.85
N ALA A 132 -2.03 8.88 -6.75
CA ALA A 132 -1.38 9.03 -5.45
C ALA A 132 -0.37 7.90 -5.25
N PHE A 134 1.32 7.66 -2.53
CA PHE A 134 0.97 7.34 -1.15
C PHE A 134 0.43 8.62 -0.52
N LYS A 135 -0.16 8.50 0.67
CA LYS A 135 -0.70 9.67 1.37
C LYS A 135 -0.28 9.62 2.81
N ILE A 136 -0.34 10.75 3.50
CA ILE A 136 -0.02 10.81 4.91
C ILE A 136 -1.15 11.57 5.57
N PHE A 137 -1.79 10.96 6.56
CA PHE A 137 -2.87 11.61 7.30
C PHE A 137 -2.38 11.92 8.69
N LEU A 138 -2.81 13.06 9.23
CA LEU A 138 -2.38 13.45 10.57
C LEU A 138 -2.98 12.56 11.65
N GLY A 139 -2.31 12.52 12.80
CA GLY A 139 -2.77 11.69 13.91
C GLY A 139 -3.89 12.32 14.72
N ARG A 140 -4.50 11.53 15.60
CA ARG A 140 -5.61 12.03 16.42
C ARG A 140 -5.51 11.67 17.90
N ASP A 141 -6.27 12.41 18.72
CA ASP A 141 -6.35 12.29 20.19
C ASP A 141 -7.00 11.00 20.67
N SER A 142 -7.17 10.91 21.99
CA SER A 142 -7.79 9.75 22.63
C SER A 142 -9.19 9.53 22.06
N HIS A 143 -9.93 10.62 21.91
CA HIS A 143 -11.28 10.54 21.35
C HIS A 143 -11.33 11.08 19.93
N ARG A 144 -10.36 10.67 19.12
CA ARG A 144 -10.20 11.05 17.70
C ARG A 144 -10.19 12.49 17.16
N GLN A 145 -9.64 13.48 17.86
CA GLN A 145 -9.60 14.83 17.27
C GLN A 145 -8.27 14.99 16.54
N LEU A 146 -8.21 15.85 15.53
CA LEU A 146 -6.94 16.06 14.87
C LEU A 146 -6.03 16.68 15.90
N LEU A 147 -4.82 16.15 16.04
CA LEU A 147 -3.87 16.71 16.99
C LEU A 147 -3.68 18.16 16.60
N SER A 148 -4.09 19.08 17.48
CA SER A 148 -3.95 20.49 17.18
C SER A 148 -2.47 20.81 16.96
N ALA A 149 -1.60 20.09 17.65
CA ALA A 149 -0.17 20.31 17.53
C ALA A 149 0.28 19.98 16.11
N GLN A 150 -0.31 18.94 15.52
CA GLN A 150 0.03 18.55 14.15
C GLN A 150 -0.74 19.41 13.15
N VAL A 151 -1.98 19.76 13.48
CA VAL A 151 -2.80 20.58 12.61
C VAL A 151 -2.14 21.95 12.46
N ASP A 152 -1.63 22.47 13.57
CA ASP A 152 -0.97 23.76 13.55
C ASP A 152 0.27 23.66 12.69
N ALA A 153 1.04 22.59 12.88
CA ALA A 153 2.27 22.40 12.12
C ALA A 153 1.94 22.07 10.67
N PHE A 154 0.75 21.52 10.45
CA PHE A 154 0.30 21.16 9.11
C PHE A 154 0.12 22.46 8.34
N ARG A 155 -0.77 23.29 8.86
CA ARG A 155 -1.10 24.58 8.28
C ARG A 155 0.11 25.50 8.10
N ALA A 156 1.09 25.33 8.97
CA ALA A 156 2.31 26.14 8.91
C ALA A 156 3.21 25.68 7.77
N LEU A 157 3.38 24.38 7.62
CA LEU A 157 4.21 23.85 6.54
C LEU A 157 3.58 24.16 5.19
N ALA A 158 2.25 24.10 5.12
CA ALA A 158 1.54 24.39 3.89
C ALA A 158 1.80 25.84 3.47
N SER A 159 1.54 26.78 4.39
CA SER A 159 1.73 28.19 4.08
C SER A 159 3.19 28.50 3.74
N GLU A 160 4.12 27.87 4.46
CA GLU A 160 5.54 28.07 4.21
C GLU A 160 5.87 27.71 2.78
N LEU A 161 5.21 26.67 2.26
CA LEU A 161 5.43 26.21 0.89
C LEU A 161 4.68 27.07 -0.12
N GLN A 162 3.54 27.61 0.27
CA GLN A 162 2.74 28.45 -0.61
C GLN A 162 1.64 29.18 0.15
N THR B 2 14.68 -16.93 -28.94
CA THR B 2 14.22 -16.07 -27.81
C THR B 2 13.79 -16.93 -26.62
N THR B 4 11.79 -18.06 -23.61
CA THR B 4 10.40 -17.87 -23.21
C THR B 4 10.28 -17.62 -21.72
N LEU B 5 9.18 -17.00 -21.32
CA LEU B 5 8.94 -16.74 -19.91
C LEU B 5 9.06 -18.02 -19.09
N ASN B 6 8.49 -19.10 -19.63
CA ASN B 6 8.54 -20.37 -18.93
C ASN B 6 9.97 -20.87 -18.75
N GLU B 7 10.79 -20.76 -19.79
CA GLU B 7 12.17 -21.20 -19.71
C GLU B 7 12.97 -20.37 -18.72
N LEU B 8 12.69 -19.08 -18.67
CA LEU B 8 13.40 -18.20 -17.75
C LEU B 8 13.10 -18.57 -16.30
N LEU B 9 11.83 -18.80 -16.00
CA LEU B 9 11.44 -19.12 -14.63
C LEU B 9 11.99 -20.44 -14.15
N ALA B 10 12.20 -21.39 -15.05
CA ALA B 10 12.75 -22.68 -14.68
C ALA B 10 14.24 -22.59 -14.30
N THR B 11 14.88 -21.48 -14.63
CA THR B 11 16.29 -21.29 -14.29
C THR B 11 16.35 -20.70 -12.90
N ASN B 12 15.17 -20.54 -12.29
CA ASN B 12 15.04 -19.99 -10.95
C ASN B 12 15.72 -18.65 -10.72
N PRO B 13 15.23 -17.58 -11.37
CA PRO B 13 15.84 -16.26 -11.19
C PRO B 13 15.55 -15.78 -9.76
N ASP B 14 16.48 -15.02 -9.18
CA ASP B 14 16.31 -14.54 -7.82
C ASP B 14 16.03 -13.04 -7.69
N GLY B 15 15.61 -12.42 -8.78
CA GLY B 15 15.29 -11.00 -8.73
C GLY B 15 13.82 -10.88 -8.40
N THR B 16 13.22 -9.71 -8.61
CA THR B 16 11.80 -9.55 -8.34
C THR B 16 11.02 -10.09 -9.53
N LEU B 17 9.85 -10.66 -9.26
CA LEU B 17 9.05 -11.19 -10.34
C LEU B 17 8.48 -10.00 -11.11
N GLU B 18 8.44 -8.84 -10.46
CA GLU B 18 7.94 -7.63 -11.10
C GLU B 18 8.78 -7.26 -12.30
N ASP B 19 10.09 -7.38 -12.17
CA ASP B 19 10.99 -7.05 -13.27
C ASP B 19 10.86 -8.05 -14.40
N ILE B 20 10.55 -9.30 -14.08
CA ILE B 20 10.38 -10.31 -15.10
C ILE B 20 9.11 -10.03 -15.88
N ALA B 21 8.08 -9.55 -15.18
CA ALA B 21 6.82 -9.23 -15.82
C ALA B 21 7.07 -8.10 -16.82
N GLY B 22 7.89 -7.15 -16.41
CA GLY B 22 8.19 -6.02 -17.28
C GLY B 22 8.99 -6.44 -18.47
N LYS B 23 9.96 -7.32 -18.25
CA LYS B 23 10.83 -7.82 -19.30
C LYS B 23 10.01 -8.53 -20.37
N TYR B 24 8.88 -9.11 -19.97
CA TYR B 24 8.01 -9.81 -20.90
C TYR B 24 6.74 -9.04 -21.23
N ASN B 25 6.72 -7.76 -20.86
CA ASN B 25 5.57 -6.90 -21.12
C ASN B 25 4.24 -7.56 -20.79
N THR B 26 4.15 -8.13 -19.60
CA THR B 26 2.92 -8.78 -19.18
C THR B 26 2.67 -8.47 -17.70
N SER B 27 1.60 -9.03 -17.15
CA SER B 27 1.26 -8.79 -15.75
C SER B 27 2.05 -9.67 -14.79
N LEU B 28 1.99 -9.32 -13.51
CA LEU B 28 2.67 -10.07 -12.47
C LEU B 28 2.00 -11.45 -12.37
N PHE B 29 0.68 -11.49 -12.53
CA PHE B 29 -0.01 -12.78 -12.42
C PHE B 29 0.44 -13.73 -13.53
N ALA B 30 0.67 -13.18 -14.71
CA ALA B 30 1.11 -13.98 -15.85
C ALA B 30 2.42 -14.69 -15.49
N VAL B 31 3.33 -13.95 -14.87
CA VAL B 31 4.60 -14.51 -14.47
C VAL B 31 4.42 -15.58 -13.40
N VAL B 32 3.61 -15.29 -12.38
CA VAL B 32 3.36 -16.24 -11.30
C VAL B 32 2.72 -17.52 -11.78
N GLU B 33 1.78 -17.38 -12.71
CA GLU B 33 1.05 -18.49 -13.29
C GLU B 33 2.00 -19.41 -14.06
N ALA B 34 3.12 -18.86 -14.47
CA ALA B 34 4.12 -19.62 -15.23
C ALA B 34 5.22 -20.24 -14.37
N LEU B 35 5.20 -19.98 -13.07
CA LEU B 35 6.22 -20.53 -12.18
C LEU B 35 6.11 -22.04 -12.07
N PRO B 36 7.24 -22.70 -11.76
CA PRO B 36 7.24 -24.16 -11.61
C PRO B 36 6.26 -24.48 -10.47
N THR B 37 5.47 -25.53 -10.61
CA THR B 37 4.51 -25.85 -9.57
C THR B 37 5.16 -26.17 -8.24
N ALA B 38 6.45 -26.51 -8.27
CA ALA B 38 7.16 -26.83 -7.03
C ALA B 38 7.37 -25.54 -6.25
N GLN B 39 7.18 -24.41 -6.91
CA GLN B 39 7.39 -23.12 -6.26
C GLN B 39 6.10 -22.31 -6.12
N CYS B 40 5.03 -22.79 -6.74
CA CYS B 40 3.78 -22.04 -6.69
C CYS B 40 2.50 -22.86 -6.73
N THR B 41 1.57 -22.47 -5.87
CA THR B 41 0.25 -23.07 -5.77
C THR B 41 -0.72 -21.90 -5.96
N LEU B 42 -1.62 -22.04 -6.92
CA LEU B 42 -2.61 -20.97 -7.20
C LEU B 42 -4.00 -21.29 -6.66
N ALA B 43 -4.75 -20.24 -6.37
CA ALA B 43 -6.11 -20.40 -5.87
C ALA B 43 -6.94 -19.24 -6.43
N THR B 44 -8.27 -19.40 -6.43
CA THR B 44 -9.13 -18.34 -6.95
C THR B 44 -9.35 -17.30 -5.86
N GLY B 45 -9.70 -16.09 -6.27
CA GLY B 45 -9.92 -15.02 -5.32
C GLY B 45 -11.07 -15.29 -4.37
N ASP B 46 -11.89 -16.27 -4.73
CA ASP B 46 -13.05 -16.66 -3.93
C ASP B 46 -12.68 -17.22 -2.56
N ARG B 47 -11.43 -17.61 -2.38
CA ARG B 47 -10.98 -18.18 -1.11
C ARG B 47 -10.35 -17.11 -0.21
N PHE B 48 -10.47 -15.85 -0.60
CA PHE B 48 -9.87 -14.75 0.16
C PHE B 48 -10.09 -14.74 1.67
N ASP B 49 -11.35 -14.86 2.10
CA ASP B 49 -11.64 -14.83 3.53
C ASP B 49 -11.00 -15.99 4.29
N GLN B 50 -11.04 -17.17 3.68
CA GLN B 50 -10.45 -18.35 4.28
C GLN B 50 -8.96 -18.11 4.47
N VAL B 51 -8.32 -17.60 3.42
CA VAL B 51 -6.90 -17.31 3.44
C VAL B 51 -6.52 -16.24 4.45
N TRP B 52 -7.19 -15.09 4.40
CA TRP B 52 -6.87 -14.00 5.32
C TRP B 52 -7.07 -14.38 6.78
N ASP B 53 -8.21 -14.98 7.11
CA ASP B 53 -8.48 -15.37 8.50
C ASP B 53 -7.39 -16.29 9.03
N THR B 54 -6.94 -17.22 8.20
CA THR B 54 -5.90 -18.16 8.60
C THR B 54 -4.56 -17.46 8.87
N ILE B 55 -4.11 -16.63 7.93
CA ILE B 55 -2.85 -15.93 8.11
C ILE B 55 -2.92 -15.07 9.37
N ALA B 56 -4.12 -14.57 9.67
CA ALA B 56 -4.31 -13.73 10.84
C ALA B 56 -4.01 -14.47 12.16
N THR B 57 -3.70 -15.76 12.06
CA THR B 57 -3.40 -16.57 13.24
C THR B 57 -1.95 -17.03 13.26
N TRP B 58 -1.16 -16.58 12.28
CA TRP B 58 0.24 -16.99 12.15
C TRP B 58 1.27 -16.14 12.89
N GLY B 59 0.83 -15.12 13.61
CA GLY B 59 1.79 -14.27 14.30
C GLY B 59 2.27 -13.18 13.36
N GLU B 60 3.38 -12.55 13.70
CA GLU B 60 3.92 -11.46 12.89
C GLU B 60 4.38 -11.84 11.48
N VAL B 61 3.88 -11.10 10.50
CA VAL B 61 4.23 -11.31 9.10
C VAL B 61 4.54 -9.92 8.56
N THR B 62 4.92 -9.84 7.28
CA THR B 62 5.22 -8.55 6.66
C THR B 62 4.28 -8.34 5.49
N LEU B 63 3.39 -7.35 5.61
CA LEU B 63 2.47 -7.05 4.51
C LEU B 63 3.16 -5.99 3.67
N ILE B 64 3.16 -6.17 2.36
CA ILE B 64 3.84 -5.25 1.46
C ILE B 64 2.97 -4.81 0.31
N SER B 65 3.05 -3.51 0.01
CA SER B 65 2.35 -2.93 -1.13
C SER B 65 3.51 -2.66 -2.08
N HIS B 66 3.46 -3.24 -3.27
CA HIS B 66 4.56 -3.06 -4.21
C HIS B 66 4.11 -2.52 -5.56
N THR B 67 4.52 -1.29 -5.84
CA THR B 67 4.20 -0.65 -7.12
C THR B 67 5.49 -0.03 -7.64
N ALA B 68 5.43 0.53 -8.84
CA ALA B 68 6.60 1.16 -9.42
C ALA B 68 7.05 2.39 -8.64
N ASP B 69 6.10 3.14 -8.10
CA ASP B 69 6.44 4.35 -7.37
C ASP B 69 6.71 4.18 -5.88
N ALA B 70 6.28 3.08 -5.31
CA ALA B 70 6.52 2.88 -3.89
C ALA B 70 6.34 1.46 -3.42
N ILE B 71 7.28 1.01 -2.60
CA ILE B 71 7.22 -0.31 -2.00
C ILE B 71 7.07 -0.02 -0.51
N LEU B 72 5.92 -0.36 0.06
CA LEU B 72 5.67 -0.12 1.48
C LEU B 72 5.59 -1.45 2.21
N GLU B 73 6.38 -1.58 3.28
CA GLU B 73 6.41 -2.82 4.03
C GLU B 73 6.03 -2.61 5.49
N PHE B 74 5.23 -3.51 6.04
CA PHE B 74 4.82 -3.37 7.42
C PHE B 74 4.79 -4.69 8.15
N LYS B 75 5.57 -4.78 9.23
CA LYS B 75 5.67 -5.99 10.03
C LYS B 75 4.72 -5.97 11.22
N SER B 76 3.77 -6.90 11.22
CA SER B 76 2.82 -7.02 12.31
C SER B 76 1.95 -8.22 12.10
N GLU B 77 1.13 -8.52 13.11
CA GLU B 77 0.22 -9.64 13.07
C GLU B 77 -0.90 -9.12 12.18
N LEU B 78 -1.36 -9.95 11.25
CA LEU B 78 -2.41 -9.54 10.34
C LEU B 78 -3.72 -9.32 11.10
N PRO B 79 -4.30 -8.11 10.99
CA PRO B 79 -5.56 -7.87 11.70
C PRO B 79 -6.74 -8.60 11.06
N THR B 80 -7.69 -9.02 11.89
CA THR B 80 -8.88 -9.69 11.38
C THR B 80 -9.83 -8.60 10.86
N GLY B 81 -10.86 -8.98 10.12
CA GLY B 81 -11.78 -7.99 9.60
C GLY B 81 -13.21 -8.45 9.38
N THR B 82 -14.08 -7.50 9.08
CA THR B 82 -15.49 -7.76 8.82
C THR B 82 -15.92 -7.10 7.52
N HIS B 83 -16.90 -7.70 6.85
CA HIS B 83 -17.42 -7.19 5.58
C HIS B 83 -18.59 -6.24 5.78
N ARG B 84 -18.59 -5.15 5.02
CA ARG B 84 -19.67 -4.18 5.10
C ARG B 84 -19.56 -3.19 3.95
N HIS B 85 -20.67 -2.99 3.24
CA HIS B 85 -20.74 -2.06 2.12
C HIS B 85 -19.80 -2.38 0.96
N GLY B 86 -19.44 -3.65 0.80
CA GLY B 86 -18.57 -4.00 -0.31
C GLY B 86 -17.10 -4.02 0.04
N TYR B 87 -16.77 -3.76 1.29
CA TYR B 87 -15.38 -3.77 1.72
C TYR B 87 -15.12 -4.67 2.92
N PHE B 88 -13.92 -5.23 2.95
CA PHE B 88 -13.47 -6.07 4.06
C PHE B 88 -12.71 -5.05 4.92
N ASN B 89 -13.31 -4.68 6.04
CA ASN B 89 -12.73 -3.67 6.92
C ASN B 89 -11.90 -4.28 8.05
N LEU B 90 -10.65 -3.83 8.15
CA LEU B 90 -9.73 -4.34 9.16
C LEU B 90 -9.81 -3.61 10.49
N ARG B 91 -9.64 -4.36 11.57
CA ARG B 91 -9.65 -3.78 12.89
C ARG B 91 -8.32 -4.13 13.54
N GLY B 92 -7.30 -3.35 13.17
CA GLY B 92 -5.97 -3.59 13.70
C GLY B 92 -5.69 -2.86 14.99
N LYS B 93 -4.76 -3.43 15.77
CA LYS B 93 -4.37 -2.85 17.04
C LYS B 93 -2.84 -2.88 17.14
N ASN B 94 -2.19 -2.98 15.98
CA ASN B 94 -0.73 -3.02 15.93
C ASN B 94 -0.14 -2.09 14.88
N GLY B 95 -0.92 -1.09 14.46
CA GLY B 95 -0.44 -0.14 13.48
C GLY B 95 -0.91 -0.38 12.05
N LEU B 96 -1.45 -1.57 11.80
CA LEU B 96 -1.93 -1.89 10.46
C LEU B 96 -3.45 -1.97 10.41
N SER B 97 -4.06 -1.19 9.53
CA SER B 97 -5.50 -1.21 9.36
C SER B 97 -5.81 -0.93 7.89
N GLY B 98 -7.07 -0.76 7.57
CA GLY B 98 -7.42 -0.51 6.18
C GLY B 98 -8.71 -1.14 5.71
N HIS B 99 -8.94 -1.04 4.42
CA HIS B 99 -10.15 -1.56 3.79
C HIS B 99 -9.78 -2.21 2.48
N ILE B 100 -10.16 -3.47 2.32
CA ILE B 100 -9.86 -4.20 1.09
C ILE B 100 -11.15 -4.45 0.32
N ARG B 101 -11.20 -4.03 -0.94
CA ARG B 101 -12.40 -4.21 -1.75
C ARG B 101 -12.66 -5.69 -2.04
N ALA B 102 -13.83 -6.15 -1.61
CA ALA B 102 -14.25 -7.55 -1.74
C ALA B 102 -14.19 -8.20 -3.12
N THR B 103 -14.73 -7.55 -4.13
CA THR B 103 -14.75 -8.10 -5.48
C THR B 103 -13.41 -8.03 -6.21
N SER B 104 -12.44 -7.35 -5.62
CA SER B 104 -11.16 -7.16 -6.30
C SER B 104 -10.24 -8.37 -6.46
N CYS B 105 -10.15 -9.21 -5.44
CA CYS B 105 -9.25 -10.36 -5.54
C CYS B 105 -9.74 -11.48 -6.44
N GLN B 106 -8.99 -11.75 -7.51
CA GLN B 106 -9.37 -12.79 -8.46
C GLN B 106 -8.46 -14.00 -8.42
N HIS B 107 -7.24 -13.81 -7.91
CA HIS B 107 -6.27 -14.90 -7.82
C HIS B 107 -5.42 -14.77 -6.57
N ILE B 108 -5.02 -15.92 -6.02
CA ILE B 108 -4.17 -15.92 -4.84
C ILE B 108 -3.06 -16.92 -5.13
N ALA B 109 -1.84 -16.56 -4.79
CA ALA B 109 -0.71 -17.45 -5.03
C ALA B 109 0.16 -17.63 -3.80
N PHE B 110 0.57 -18.88 -3.57
CA PHE B 110 1.46 -19.23 -2.47
C PHE B 110 2.79 -19.54 -3.18
N ILE B 111 3.77 -18.67 -2.96
CA ILE B 111 5.05 -18.80 -3.63
C ILE B 111 6.21 -19.06 -2.70
N GLU B 112 6.99 -20.10 -3.01
CA GLU B 112 8.17 -20.41 -2.23
C GLU B 112 9.33 -20.35 -3.21
N ARG B 113 10.14 -19.31 -3.12
CA ARG B 113 11.26 -19.13 -4.03
C ARG B 113 12.39 -18.36 -3.36
N LYS B 114 13.56 -18.35 -3.99
CA LYS B 114 14.67 -17.60 -3.43
C LYS B 114 14.68 -16.16 -3.94
N PHE B 115 15.12 -15.25 -3.07
CA PHE B 115 15.24 -13.85 -3.42
C PHE B 115 16.53 -13.37 -2.80
N GLY B 117 19.17 -14.76 -2.89
CA GLY B 117 19.81 -15.93 -2.32
C GLY B 117 19.18 -16.55 -1.08
N ASP B 119 15.75 -18.14 1.03
CA ASP B 119 14.43 -18.74 0.85
C ASP B 119 13.35 -17.78 1.33
N THR B 120 12.32 -17.60 0.52
CA THR B 120 11.22 -16.72 0.88
C THR B 120 9.90 -17.43 0.62
N ALA B 121 8.88 -17.05 1.36
CA ALA B 121 7.56 -17.63 1.22
C ALA B 121 6.57 -16.49 1.31
N SER B 122 5.75 -16.35 0.27
CA SER B 122 4.77 -15.26 0.25
C SER B 122 3.40 -15.67 -0.27
N VAL B 123 2.39 -14.92 0.13
CA VAL B 123 1.03 -15.14 -0.34
C VAL B 123 0.71 -13.85 -1.07
N VAL B 124 0.47 -13.96 -2.37
CA VAL B 124 0.19 -12.79 -3.19
C VAL B 124 -1.26 -12.74 -3.63
N PHE B 125 -1.89 -11.58 -3.46
CA PHE B 125 -3.30 -11.38 -3.82
C PHE B 125 -3.34 -10.51 -5.07
N PHE B 126 -3.99 -11.01 -6.12
CA PHE B 126 -4.07 -10.34 -7.42
C PHE B 126 -5.48 -9.86 -7.79
N ASN B 127 -5.54 -8.73 -8.51
CA ASN B 127 -6.81 -8.21 -8.97
C ASN B 127 -7.05 -8.76 -10.39
N ALA B 128 -8.15 -8.34 -11.02
CA ALA B 128 -8.48 -8.82 -12.36
C ALA B 128 -7.45 -8.46 -13.43
N ASN B 129 -6.73 -7.35 -13.23
CA ASN B 129 -5.72 -6.95 -14.20
C ASN B 129 -4.41 -7.70 -14.03
N GLY B 130 -4.33 -8.55 -13.01
CA GLY B 130 -3.11 -9.32 -12.80
C GLY B 130 -2.03 -8.67 -11.99
N ALA B 131 -2.35 -7.55 -11.35
CA ALA B 131 -1.38 -6.84 -10.52
C ALA B 131 -1.56 -7.29 -9.08
N ALA B 132 -0.49 -7.18 -8.29
CA ALA B 132 -0.57 -7.57 -6.88
C ALA B 132 -1.23 -6.46 -6.07
N PHE B 134 -1.46 -6.73 -2.83
CA PHE B 134 -0.51 -6.72 -1.73
C PHE B 134 0.07 -8.11 -1.59
N LYS B 135 1.11 -8.24 -0.79
CA LYS B 135 1.75 -9.53 -0.59
C LYS B 135 2.00 -9.72 0.88
N ILE B 136 2.06 -10.97 1.33
CA ILE B 136 2.35 -11.24 2.73
C ILE B 136 3.55 -12.20 2.77
N PHE B 137 4.61 -11.81 3.46
CA PHE B 137 5.80 -12.66 3.58
C PHE B 137 5.98 -13.23 4.98
N LEU B 138 6.43 -14.48 5.05
CA LEU B 138 6.67 -15.13 6.34
C LEU B 138 7.94 -14.55 6.94
N GLY B 139 8.03 -14.59 8.27
CA GLY B 139 9.18 -14.08 8.99
C GLY B 139 10.29 -15.11 9.14
N ARG B 140 11.40 -14.71 9.76
CA ARG B 140 12.55 -15.60 9.93
C ARG B 140 12.92 -15.87 11.38
N ASP B 141 13.72 -16.90 11.62
CA ASP B 141 14.14 -17.25 12.97
C ASP B 141 15.56 -16.79 13.24
N SER B 142 16.08 -17.17 14.42
CA SER B 142 17.43 -16.80 14.83
C SER B 142 18.52 -17.41 13.96
N HIS B 143 18.14 -18.36 13.10
CA HIS B 143 19.09 -19.02 12.20
C HIS B 143 19.00 -18.38 10.82
N ARG B 144 18.18 -17.34 10.70
CA ARG B 144 17.93 -16.65 9.43
C ARG B 144 17.12 -17.53 8.47
N GLN B 145 16.51 -18.56 9.03
CA GLN B 145 15.68 -19.49 8.26
C GLN B 145 14.23 -19.04 8.42
N LEU B 146 13.37 -19.43 7.49
CA LEU B 146 11.95 -19.07 7.60
C LEU B 146 11.37 -19.75 8.84
N LEU B 147 10.52 -19.04 9.57
CA LEU B 147 9.89 -19.61 10.77
C LEU B 147 9.24 -20.95 10.44
N SER B 148 9.75 -22.04 11.01
CA SER B 148 9.19 -23.36 10.72
C SER B 148 7.69 -23.50 10.97
N ALA B 149 7.19 -22.91 12.06
CA ALA B 149 5.76 -22.99 12.37
C ALA B 149 4.94 -22.31 11.27
N GLN B 150 5.45 -21.20 10.74
CA GLN B 150 4.74 -20.49 9.67
C GLN B 150 4.85 -21.27 8.36
N VAL B 151 6.04 -21.82 8.08
CA VAL B 151 6.19 -22.57 6.84
C VAL B 151 5.21 -23.74 6.82
N ASP B 152 5.05 -24.44 7.95
CA ASP B 152 4.13 -25.55 8.00
C ASP B 152 2.67 -25.11 7.80
N ALA B 153 2.26 -24.02 8.45
CA ALA B 153 0.88 -23.55 8.29
C ALA B 153 0.65 -23.06 6.86
N PHE B 154 1.68 -22.41 6.30
CA PHE B 154 1.64 -21.88 4.93
C PHE B 154 1.47 -23.03 3.94
N ARG B 155 2.26 -24.08 4.09
CA ARG B 155 2.13 -25.21 3.18
C ARG B 155 0.81 -25.95 3.37
N ALA B 156 0.32 -26.01 4.61
CA ALA B 156 -0.95 -26.69 4.89
C ALA B 156 -2.10 -25.98 4.19
N LEU B 157 -2.12 -24.66 4.31
CA LEU B 157 -3.16 -23.86 3.69
C LEU B 157 -3.09 -24.00 2.17
N ALA B 158 -1.90 -23.86 1.61
CA ALA B 158 -1.74 -23.98 0.16
C ALA B 158 -2.33 -25.31 -0.30
N SER B 159 -2.00 -26.37 0.44
CA SER B 159 -2.46 -27.72 0.12
C SER B 159 -3.98 -27.91 0.17
N GLU B 160 -4.65 -27.36 1.18
CA GLU B 160 -6.09 -27.55 1.23
C GLU B 160 -6.83 -26.72 0.19
N LEU B 161 -6.14 -25.75 -0.39
CA LEU B 161 -6.74 -24.92 -1.42
C LEU B 161 -6.64 -25.62 -2.78
N GLN B 162 -5.86 -26.70 -2.82
CA GLN B 162 -5.71 -27.48 -4.04
C GLN B 162 -6.83 -28.52 -4.07
N PRO B 163 -7.31 -28.88 -5.27
CA PRO B 163 -8.39 -29.88 -5.32
C PRO B 163 -7.94 -31.26 -4.85
#